data_2NVK
#
_entry.id   2NVK
#
_cell.length_a   151.487
_cell.length_b   151.487
_cell.length_c   134.259
_cell.angle_alpha   90.00
_cell.angle_beta   90.00
_cell.angle_gamma   120.00
#
_symmetry.space_group_name_H-M   'H 3 2'
#
loop_
_entity.id
_entity.type
_entity.pdbx_description
1 polymer 'Thioredoxin Reductase'
2 non-polymer 'FLAVIN-ADENINE DINUCLEOTIDE'
3 non-polymer 'NADP NICOTINAMIDE-ADENINE-DINUCLEOTIDE PHOSPHATE'
4 water water
#
_entity_poly.entity_id   1
_entity_poly.type   'polypeptide(L)'
_entity_poly.pdbx_seq_one_letter_code
;MAPVQGSYDYDLIVIGGGSAGLACAKEAVLNGARVACLDFVKPTPTLGTKWGVGGTCVNVGCIPKKLMHQASLLGEAVHE
AAAYGWNVDDKIKPDWHKLVQSVQNHIKSVNWVTRVDLRDKKVEYINGLGSFVDSHTLLAKLKSGERTITAQTFVIAVGG
RPRYPDIPGAVEYGITSDDLFSLDREPGKTLVVGAGYIGLECAGFLKGLGYEPTVMVRSIVLRGFDQQMAELVAASMEER
GIPFLRKTVPLSVEKQDDGKLLVKYKNVETGEESEDVYDTVLWAIGRKGLVDDLNLPNAGVTVQKDKIPVDSQEATNVAN
IYAVGDIIYGKPELTPVAVLAGRLLARRLYGGSTQRMDYKDVATTVFTPLEYACVGLSEEDAVKQFGADEIEVFHGYYKP
TEFFIPQKSVRYCYLKAVAERHGDQRVYGLHYIGPVAGEVIQGFAAALKSGLTINTLINTVGIHPTTAEEFTRLAITKRS
GLDPTPAS
;
_entity_poly.pdbx_strand_id   X
#
# COMPACT_ATOMS: atom_id res chain seq x y z
N TYR A 8 33.06 -12.28 -8.36
CA TYR A 8 32.92 -13.20 -9.53
C TYR A 8 32.68 -12.47 -10.87
N ASP A 9 31.68 -12.95 -11.60
CA ASP A 9 31.30 -12.37 -12.89
C ASP A 9 30.75 -10.94 -12.77
N TYR A 10 30.14 -10.66 -11.62
CA TYR A 10 29.50 -9.37 -11.38
C TYR A 10 30.00 -8.70 -10.10
N ASP A 11 30.05 -7.37 -10.14
CA ASP A 11 30.26 -6.58 -8.92
C ASP A 11 29.05 -6.79 -8.01
N LEU A 12 27.87 -6.67 -8.61
CA LEU A 12 26.60 -6.78 -7.88
C LEU A 12 25.60 -7.63 -8.65
N ILE A 13 25.00 -8.61 -7.99
CA ILE A 13 23.75 -9.20 -8.50
C ILE A 13 22.60 -8.76 -7.61
N VAL A 14 21.54 -8.28 -8.26
CA VAL A 14 20.30 -7.90 -7.59
C VAL A 14 19.23 -8.95 -7.86
N ILE A 15 18.70 -9.52 -6.80
CA ILE A 15 17.66 -10.55 -6.90
C ILE A 15 16.29 -9.93 -6.73
N GLY A 16 15.59 -9.71 -7.83
CA GLY A 16 14.26 -9.12 -7.78
C GLY A 16 14.27 -7.80 -8.52
N GLY A 17 13.34 -7.65 -9.46
CA GLY A 17 13.28 -6.45 -10.28
C GLY A 17 12.03 -5.64 -10.01
N GLY A 18 11.82 -5.29 -8.75
CA GLY A 18 10.71 -4.44 -8.36
C GLY A 18 11.17 -3.04 -8.01
N SER A 19 10.43 -2.38 -7.12
CA SER A 19 10.72 -1.00 -6.75
C SER A 19 12.14 -0.83 -6.21
N ALA A 20 12.53 -1.68 -5.25
CA ALA A 20 13.87 -1.64 -4.65
C ALA A 20 14.95 -2.19 -5.57
N GLY A 21 14.72 -3.39 -6.09
CA GLY A 21 15.65 -4.02 -7.02
C GLY A 21 16.09 -3.15 -8.19
N LEU A 22 15.14 -2.60 -8.93
CA LEU A 22 15.45 -1.79 -10.11
C LEU A 22 16.14 -0.49 -9.72
N ALA A 23 15.64 0.17 -8.68
CA ALA A 23 16.27 1.39 -8.16
C ALA A 23 17.74 1.15 -7.76
N CYS A 24 18.01 0.03 -7.09
CA CYS A 24 19.36 -0.38 -6.70
C CYS A 24 20.24 -0.69 -7.91
N ALA A 25 19.72 -1.51 -8.84
CA ALA A 25 20.45 -1.86 -10.06
C ALA A 25 20.87 -0.64 -10.87
N LYS A 26 19.93 0.28 -11.12
CA LYS A 26 20.19 1.47 -11.95
C LYS A 26 21.20 2.42 -11.29
N GLU A 27 21.01 2.65 -9.99
CA GLU A 27 21.95 3.47 -9.24
C GLU A 27 23.36 2.89 -9.21
N ALA A 28 23.48 1.56 -9.07
CA ALA A 28 24.80 0.92 -8.99
C ALA A 28 25.60 1.09 -10.28
N VAL A 29 24.94 0.99 -11.43
CA VAL A 29 25.58 1.18 -12.74
C VAL A 29 26.00 2.63 -12.93
N LEU A 30 25.17 3.56 -12.47
CA LEU A 30 25.49 4.99 -12.49
C LEU A 30 26.83 5.28 -11.82
N ASN A 31 27.16 4.47 -10.83
CA ASN A 31 28.45 4.57 -10.12
C ASN A 31 29.49 3.48 -10.50
N GLY A 32 29.49 3.10 -11.77
CA GLY A 32 30.59 2.31 -12.33
C GLY A 32 30.56 0.78 -12.15
N ALA A 33 29.53 0.26 -11.49
CA ALA A 33 29.49 -1.17 -11.18
C ALA A 33 29.00 -2.04 -12.35
N ARG A 34 29.57 -3.24 -12.44
CA ARG A 34 29.08 -4.29 -13.34
C ARG A 34 27.95 -5.01 -12.61
N VAL A 35 26.72 -4.80 -13.07
CA VAL A 35 25.58 -5.33 -12.33
C VAL A 35 24.60 -6.12 -13.20
N ALA A 36 24.02 -7.15 -12.57
CA ALA A 36 22.95 -7.95 -13.14
C ALA A 36 21.73 -7.83 -12.25
N CYS A 37 20.55 -7.90 -12.83
CA CYS A 37 19.33 -7.90 -12.06
C CYS A 37 18.40 -9.01 -12.54
N LEU A 38 18.03 -9.90 -11.61
CA LEU A 38 17.12 -10.99 -11.92
C LEU A 38 15.70 -10.62 -11.54
N ASP A 39 14.75 -10.93 -12.42
CA ASP A 39 13.35 -10.83 -12.07
C ASP A 39 12.55 -11.97 -12.70
N PHE A 40 11.76 -12.63 -11.86
CA PHE A 40 10.79 -13.60 -12.36
C PHE A 40 9.45 -13.37 -11.69
N VAL A 41 8.38 -13.60 -12.44
CA VAL A 41 7.02 -13.49 -11.92
C VAL A 41 6.30 -14.84 -12.00
N LYS A 42 6.20 -15.48 -10.85
CA LYS A 42 5.47 -16.73 -10.68
C LYS A 42 3.96 -16.48 -10.90
N PRO A 43 3.33 -17.26 -11.80
CA PRO A 43 1.90 -17.07 -12.11
C PRO A 43 1.00 -17.51 -10.94
N THR A 44 -0.06 -16.73 -10.68
CA THR A 44 -0.95 -17.00 -9.54
C THR A 44 -1.56 -18.38 -9.65
N PRO A 45 -1.71 -19.10 -8.52
CA PRO A 45 -2.33 -20.41 -8.56
C PRO A 45 -3.79 -20.23 -8.99
N THR A 46 -4.27 -21.07 -9.90
CA THR A 46 -5.60 -20.87 -10.51
C THR A 46 -5.68 -19.50 -11.17
N LEU A 47 -6.14 -19.47 -12.42
CA LEU A 47 -6.17 -18.24 -13.22
C LEU A 47 -4.82 -17.94 -13.88
N GLY A 48 -3.73 -18.24 -13.19
CA GLY A 48 -2.39 -18.22 -13.79
C GLY A 48 -1.89 -16.85 -14.24
N THR A 49 -2.44 -15.81 -13.63
CA THR A 49 -2.12 -14.41 -13.92
C THR A 49 -0.61 -14.13 -13.81
N LYS A 50 -0.10 -13.37 -14.78
CA LYS A 50 1.32 -13.06 -14.89
C LYS A 50 1.50 -11.69 -15.54
N TRP A 51 2.65 -11.08 -15.30
CA TRP A 51 2.89 -9.72 -15.73
C TRP A 51 4.36 -9.51 -16.05
N GLY A 52 4.67 -8.36 -16.66
CA GLY A 52 6.04 -8.03 -17.04
C GLY A 52 6.91 -7.60 -15.89
N VAL A 53 8.05 -7.00 -16.24
CA VAL A 53 9.04 -6.52 -15.28
C VAL A 53 8.62 -5.19 -14.66
N GLY A 54 9.22 -4.85 -13.52
CA GLY A 54 8.94 -3.61 -12.82
C GLY A 54 8.41 -3.79 -11.41
N GLY A 55 8.06 -5.02 -11.04
CA GLY A 55 7.61 -5.33 -9.68
C GLY A 55 6.12 -5.21 -9.38
N THR A 56 5.81 -5.14 -8.09
CA THR A 56 4.43 -5.20 -7.59
C THR A 56 3.63 -3.90 -7.82
N CYS A 57 4.25 -2.75 -7.58
CA CYS A 57 3.56 -1.46 -7.70
C CYS A 57 2.98 -1.19 -9.10
N VAL A 58 3.85 -1.27 -10.11
CA VAL A 58 3.52 -0.96 -11.49
C VAL A 58 2.47 -1.94 -12.00
N ASN A 59 2.69 -3.21 -11.70
CA ASN A 59 1.91 -4.28 -12.28
C ASN A 59 0.65 -4.67 -11.52
N VAL A 60 0.74 -4.75 -10.19
CA VAL A 60 -0.36 -5.26 -9.38
C VAL A 60 -0.53 -4.52 -8.03
N GLY A 61 -0.17 -3.24 -8.01
CA GLY A 61 -0.09 -2.50 -6.75
C GLY A 61 -0.54 -1.06 -6.89
N CYS A 62 0.32 -0.14 -6.49
CA CYS A 62 -0.04 1.28 -6.43
C CYS A 62 -0.75 1.73 -7.69
N ILE A 63 -0.21 1.37 -8.86
CA ILE A 63 -0.67 1.98 -10.11
C ILE A 63 -2.07 1.52 -10.55
N PRO A 64 -2.28 0.21 -10.81
CA PRO A 64 -3.66 -0.24 -11.07
C PRO A 64 -4.67 0.16 -9.98
N LYS A 65 -4.29 0.01 -8.72
CA LYS A 65 -5.07 0.51 -7.58
C LYS A 65 -5.50 1.98 -7.73
N LYS A 66 -4.56 2.87 -8.00
CA LYS A 66 -4.88 4.29 -8.12
C LYS A 66 -5.77 4.56 -9.32
N LEU A 67 -5.55 3.82 -10.41
CA LEU A 67 -6.34 3.99 -11.63
C LEU A 67 -7.81 3.55 -11.45
N MET A 68 -8.03 2.47 -10.71
CA MET A 68 -9.40 2.02 -10.38
C MET A 68 -10.11 2.99 -9.43
N HIS A 69 -9.34 3.53 -8.49
CA HIS A 69 -9.80 4.53 -7.55
C HIS A 69 -10.19 5.80 -8.29
N GLN A 70 -9.34 6.22 -9.23
CA GLN A 70 -9.65 7.38 -10.06
C GLN A 70 -10.92 7.16 -10.89
N ALA A 71 -11.09 5.95 -11.42
CA ALA A 71 -12.27 5.60 -12.22
C ALA A 71 -13.55 5.72 -11.41
N SER A 72 -13.46 5.27 -10.16
CA SER A 72 -14.53 5.39 -9.17
C SER A 72 -14.78 6.84 -8.76
N LEU A 73 -13.70 7.58 -8.50
CA LEU A 73 -13.79 9.01 -8.23
C LEU A 73 -14.51 9.79 -9.36
N LEU A 74 -14.22 9.44 -10.61
CA LEU A 74 -14.76 10.14 -11.79
C LEU A 74 -16.27 9.93 -12.00
N GLY A 75 -16.77 8.77 -11.57
CA GLY A 75 -18.21 8.50 -11.49
C GLY A 75 -18.94 9.43 -10.53
N GLU A 76 -18.39 9.62 -9.31
CA GLU A 76 -18.93 10.63 -8.36
C GLU A 76 -18.94 12.01 -9.00
N ALA A 77 -17.83 12.39 -9.62
CA ALA A 77 -17.73 13.66 -10.32
C ALA A 77 -18.82 13.83 -11.36
N VAL A 78 -19.11 12.75 -12.11
CA VAL A 78 -20.25 12.74 -13.01
C VAL A 78 -21.59 13.01 -12.28
N HIS A 79 -21.84 12.32 -11.16
CA HIS A 79 -23.05 12.56 -10.35
C HIS A 79 -23.14 13.95 -9.68
N GLU A 80 -22.01 14.56 -9.35
CA GLU A 80 -22.01 15.88 -8.74
C GLU A 80 -22.19 16.99 -9.74
N ALA A 81 -21.77 16.74 -10.99
CA ALA A 81 -21.78 17.74 -12.04
C ALA A 81 -23.17 18.32 -12.28
N ALA A 82 -24.18 17.48 -12.10
CA ALA A 82 -25.57 17.91 -12.27
C ALA A 82 -26.00 19.03 -11.30
N ALA A 83 -25.46 19.00 -10.08
CA ALA A 83 -25.75 20.03 -9.06
C ALA A 83 -25.24 21.41 -9.46
N TYR A 84 -24.21 21.43 -10.30
CA TYR A 84 -23.58 22.66 -10.76
C TYR A 84 -24.24 23.23 -12.02
N GLY A 85 -25.24 22.52 -12.56
CA GLY A 85 -25.93 22.94 -13.77
C GLY A 85 -25.64 22.17 -15.06
N TRP A 86 -24.75 21.17 -14.99
CA TRP A 86 -24.45 20.31 -16.15
C TRP A 86 -25.62 19.35 -16.42
N ASN A 87 -26.06 19.28 -17.66
CA ASN A 87 -27.18 18.40 -18.05
C ASN A 87 -26.76 16.93 -18.19
N VAL A 88 -26.04 16.43 -17.18
CA VAL A 88 -25.57 15.05 -17.15
C VAL A 88 -26.72 14.08 -16.88
N ASP A 89 -26.66 12.91 -17.53
CA ASP A 89 -27.64 11.82 -17.34
C ASP A 89 -27.31 11.03 -16.07
N ASP A 90 -28.35 10.67 -15.32
CA ASP A 90 -28.21 9.99 -14.02
C ASP A 90 -27.69 8.55 -14.13
N LYS A 91 -28.27 7.77 -15.06
CA LYS A 91 -28.00 6.33 -15.15
C LYS A 91 -26.77 5.97 -16.00
N ILE A 92 -25.60 6.10 -15.39
CA ILE A 92 -24.32 5.76 -16.01
C ILE A 92 -23.72 4.53 -15.31
N LYS A 93 -22.98 3.73 -16.08
CA LYS A 93 -22.44 2.46 -15.60
C LYS A 93 -21.05 2.26 -16.23
N PRO A 94 -20.07 1.83 -15.41
CA PRO A 94 -18.77 1.52 -16.02
C PRO A 94 -18.72 0.13 -16.69
N ASP A 95 -17.92 0.02 -17.74
CA ASP A 95 -17.64 -1.25 -18.37
C ASP A 95 -16.37 -1.82 -17.72
N TRP A 96 -16.51 -2.90 -16.97
CA TRP A 96 -15.38 -3.49 -16.24
C TRP A 96 -14.26 -3.95 -17.18
N HIS A 97 -14.64 -4.53 -18.32
CA HIS A 97 -13.66 -5.02 -19.29
C HIS A 97 -12.96 -3.85 -19.97
N LYS A 98 -13.68 -2.75 -20.19
CA LYS A 98 -13.09 -1.53 -20.74
C LYS A 98 -12.12 -0.88 -19.75
N LEU A 99 -12.50 -0.87 -18.48
CA LEU A 99 -11.64 -0.33 -17.44
C LEU A 99 -10.39 -1.18 -17.28
N VAL A 100 -10.56 -2.49 -17.12
CA VAL A 100 -9.42 -3.42 -17.11
C VAL A 100 -8.46 -3.18 -18.29
N GLN A 101 -9.03 -3.09 -19.49
CA GLN A 101 -8.31 -2.81 -20.74
C GLN A 101 -7.41 -1.57 -20.68
N SER A 102 -8.00 -0.43 -20.31
CA SER A 102 -7.26 0.82 -20.10
C SER A 102 -6.14 0.72 -19.08
N VAL A 103 -6.45 0.12 -17.95
CA VAL A 103 -5.49 -0.06 -16.88
C VAL A 103 -4.29 -0.88 -17.39
N GLN A 104 -4.58 -2.03 -18.00
CA GLN A 104 -3.55 -2.94 -18.49
C GLN A 104 -2.74 -2.37 -19.65
N ASN A 105 -3.37 -1.56 -20.49
CA ASN A 105 -2.69 -0.90 -21.59
C ASN A 105 -1.59 0.01 -21.06
N HIS A 106 -1.93 0.81 -20.06
CA HIS A 106 -0.95 1.68 -19.43
C HIS A 106 0.21 0.90 -18.81
N ILE A 107 -0.10 -0.16 -18.06
CA ILE A 107 0.90 -1.01 -17.42
C ILE A 107 1.88 -1.65 -18.43
N LYS A 108 1.36 -2.15 -19.55
CA LYS A 108 2.18 -2.83 -20.56
C LYS A 108 3.10 -1.83 -21.27
N SER A 109 2.60 -0.61 -21.47
CA SER A 109 3.39 0.49 -22.01
C SER A 109 4.53 0.84 -21.07
N VAL A 110 4.23 0.87 -19.78
CA VAL A 110 5.26 1.10 -18.76
C VAL A 110 6.27 -0.05 -18.69
N ASN A 111 5.79 -1.30 -18.78
CA ASN A 111 6.67 -2.46 -18.83
C ASN A 111 7.73 -2.33 -19.90
N TRP A 112 7.31 -1.99 -21.13
CA TRP A 112 8.20 -1.90 -22.28
C TRP A 112 9.26 -0.82 -22.12
N VAL A 113 8.82 0.36 -21.72
CA VAL A 113 9.66 1.51 -21.42
C VAL A 113 10.70 1.18 -20.35
N THR A 114 10.27 0.43 -19.33
CA THR A 114 11.16 -0.03 -18.26
C THR A 114 12.27 -0.96 -18.75
N ARG A 115 11.91 -1.92 -19.63
CA ARG A 115 12.88 -2.82 -20.27
C ARG A 115 13.90 -2.08 -21.13
N VAL A 116 13.42 -1.09 -21.89
CA VAL A 116 14.28 -0.29 -22.78
C VAL A 116 15.23 0.57 -21.94
N ASP A 117 14.70 1.13 -20.85
CA ASP A 117 15.46 1.97 -19.96
C ASP A 117 16.58 1.19 -19.27
N LEU A 118 16.29 -0.06 -18.88
CA LEU A 118 17.27 -0.94 -18.26
C LEU A 118 18.41 -1.30 -19.21
N ARG A 119 18.06 -1.72 -20.43
CA ARG A 119 19.04 -2.00 -21.49
C ARG A 119 19.91 -0.76 -21.80
N ASP A 120 19.26 0.40 -21.94
CA ASP A 120 19.94 1.66 -22.23
C ASP A 120 20.92 2.09 -21.14
N LYS A 121 20.52 1.84 -19.89
CA LYS A 121 21.37 2.11 -18.74
C LYS A 121 22.36 0.97 -18.44
N LYS A 122 22.32 -0.08 -19.26
CA LYS A 122 23.28 -1.19 -19.21
C LYS A 122 23.12 -2.08 -17.97
N VAL A 123 21.91 -2.15 -17.45
CA VAL A 123 21.58 -3.10 -16.40
C VAL A 123 21.22 -4.42 -17.08
N GLU A 124 22.01 -5.47 -16.84
CA GLU A 124 21.69 -6.76 -17.42
C GLU A 124 20.51 -7.41 -16.69
N TYR A 125 19.35 -7.32 -17.32
CA TYR A 125 18.14 -7.95 -16.81
C TYR A 125 18.09 -9.43 -17.21
N ILE A 126 17.96 -10.31 -16.22
CA ILE A 126 17.79 -11.75 -16.46
C ILE A 126 16.36 -12.12 -16.08
N ASN A 127 15.60 -12.63 -17.05
CA ASN A 127 14.26 -13.14 -16.77
C ASN A 127 14.33 -14.56 -16.21
N GLY A 128 14.79 -14.66 -14.96
CA GLY A 128 14.96 -15.95 -14.31
C GLY A 128 14.85 -15.87 -12.81
N LEU A 129 14.65 -17.04 -12.20
CA LEU A 129 14.48 -17.18 -10.76
C LEU A 129 15.84 -17.49 -10.14
N GLY A 130 16.27 -16.63 -9.23
CA GLY A 130 17.55 -16.81 -8.55
C GLY A 130 17.47 -17.52 -7.21
N SER A 131 18.42 -18.42 -6.96
CA SER A 131 18.57 -19.07 -5.66
C SER A 131 20.04 -19.28 -5.31
N PHE A 132 20.40 -19.02 -4.06
CA PHE A 132 21.78 -19.11 -3.60
C PHE A 132 22.34 -20.52 -3.62
N VAL A 133 23.59 -20.63 -4.06
CA VAL A 133 24.37 -21.87 -3.96
C VAL A 133 25.41 -21.70 -2.85
N ASP A 134 25.68 -20.44 -2.50
CA ASP A 134 26.92 -20.01 -1.86
C ASP A 134 26.77 -18.51 -1.62
N SER A 135 27.48 -17.98 -0.63
CA SER A 135 27.45 -16.53 -0.34
C SER A 135 27.91 -15.62 -1.50
N HIS A 136 28.59 -16.20 -2.48
CA HIS A 136 29.04 -15.44 -3.65
C HIS A 136 28.52 -16.01 -4.95
N THR A 137 27.70 -17.06 -4.85
CA THR A 137 27.28 -17.80 -6.02
C THR A 137 25.78 -18.03 -6.03
N LEU A 138 25.16 -17.62 -7.12
CA LEU A 138 23.72 -17.76 -7.31
C LEU A 138 23.40 -18.58 -8.56
N LEU A 139 22.41 -19.46 -8.42
CA LEU A 139 21.85 -20.18 -9.55
C LEU A 139 20.68 -19.37 -10.08
N ALA A 140 20.83 -18.87 -11.30
CA ALA A 140 19.74 -18.24 -12.03
C ALA A 140 19.05 -19.31 -12.84
N LYS A 141 17.72 -19.38 -12.77
CA LYS A 141 16.96 -20.34 -13.56
C LYS A 141 16.10 -19.63 -14.60
N LEU A 142 16.53 -19.70 -15.86
CA LEU A 142 15.88 -19.00 -16.98
C LEU A 142 14.69 -19.82 -17.50
N LYS A 143 13.94 -19.22 -18.44
CA LYS A 143 12.79 -19.86 -19.09
C LYS A 143 13.18 -21.16 -19.81
N SER A 144 14.38 -21.16 -20.37
CA SER A 144 14.87 -22.26 -21.19
C SER A 144 15.33 -23.41 -20.31
N GLY A 145 14.97 -23.35 -19.03
CA GLY A 145 15.47 -24.28 -18.01
C GLY A 145 16.97 -24.08 -17.82
N GLU A 146 17.49 -23.04 -18.48
CA GLU A 146 18.92 -22.72 -18.46
C GLU A 146 19.32 -22.09 -17.14
N ARG A 147 20.60 -22.19 -16.81
CA ARG A 147 21.12 -21.63 -15.57
C ARG A 147 22.41 -20.84 -15.78
N THR A 148 22.73 -20.02 -14.78
CA THR A 148 23.95 -19.19 -14.77
C THR A 148 24.37 -18.99 -13.29
N ILE A 149 25.62 -18.56 -13.06
CA ILE A 149 26.14 -18.45 -11.70
C ILE A 149 26.90 -17.12 -11.37
N THR A 150 27.25 -16.90 -10.09
CA THR A 150 28.41 -16.07 -9.59
C THR A 150 28.34 -14.54 -9.54
N ALA A 151 28.71 -13.97 -8.37
CA ALA A 151 28.92 -12.51 -8.19
C ALA A 151 29.59 -12.08 -6.87
N GLN A 152 29.98 -10.81 -6.82
CA GLN A 152 30.77 -10.26 -5.69
C GLN A 152 29.93 -9.78 -4.51
N THR A 153 28.87 -9.02 -4.78
CA THR A 153 27.90 -8.64 -3.74
C THR A 153 26.47 -8.95 -4.15
N PHE A 154 25.58 -9.05 -3.17
CA PHE A 154 24.20 -9.44 -3.42
C PHE A 154 23.18 -8.52 -2.78
N VAL A 155 22.16 -8.18 -3.56
CA VAL A 155 21.04 -7.43 -3.01
C VAL A 155 19.76 -8.24 -3.20
N ILE A 156 19.10 -8.53 -2.09
CA ILE A 156 17.84 -9.28 -2.10
C ILE A 156 16.71 -8.26 -2.03
N ALA A 157 15.88 -8.24 -3.07
CA ALA A 157 14.74 -7.35 -3.17
C ALA A 157 13.60 -8.11 -3.83
N VAL A 158 13.22 -9.20 -3.19
CA VAL A 158 12.32 -10.18 -3.79
C VAL A 158 10.86 -9.92 -3.43
N GLY A 159 10.63 -9.08 -2.43
CA GLY A 159 9.29 -8.72 -1.98
C GLY A 159 8.51 -9.90 -1.42
N GLY A 160 7.19 -9.82 -1.57
CA GLY A 160 6.28 -10.89 -1.17
C GLY A 160 5.19 -11.14 -2.20
N ARG A 161 4.27 -12.05 -1.85
CA ARG A 161 3.06 -12.32 -2.65
C ARG A 161 1.86 -12.48 -1.72
N PRO A 162 0.63 -12.22 -2.23
CA PRO A 162 -0.59 -12.33 -1.42
C PRO A 162 -0.70 -13.67 -0.69
N ARG A 163 -1.12 -13.61 0.58
CA ARG A 163 -1.31 -14.81 1.39
C ARG A 163 -2.67 -15.43 1.09
N TYR A 164 -2.79 -16.73 1.35
CA TYR A 164 -4.05 -17.44 1.24
C TYR A 164 -4.37 -18.05 2.60
N PRO A 165 -5.67 -18.04 2.99
CA PRO A 165 -6.06 -18.75 4.21
C PRO A 165 -5.92 -20.27 4.04
N ASP A 166 -5.53 -20.95 5.12
CA ASP A 166 -5.42 -22.42 5.13
C ASP A 166 -6.81 -23.03 5.37
N ILE A 167 -7.61 -23.02 4.32
CA ILE A 167 -9.04 -23.26 4.41
C ILE A 167 -9.51 -23.85 3.07
N PRO A 168 -10.35 -24.92 3.12
CA PRO A 168 -10.82 -25.56 1.89
C PRO A 168 -11.44 -24.58 0.90
N GLY A 169 -11.05 -24.69 -0.37
CA GLY A 169 -11.58 -23.84 -1.44
C GLY A 169 -10.88 -22.50 -1.67
N ALA A 170 -9.93 -22.16 -0.80
CA ALA A 170 -9.32 -20.83 -0.81
C ALA A 170 -8.54 -20.51 -2.10
N VAL A 171 -7.54 -21.32 -2.42
CA VAL A 171 -6.71 -21.12 -3.62
C VAL A 171 -7.46 -21.48 -4.91
N GLU A 172 -8.59 -22.19 -4.76
CA GLU A 172 -9.35 -22.70 -5.90
C GLU A 172 -10.40 -21.71 -6.39
N TYR A 173 -11.11 -21.08 -5.46
CA TYR A 173 -12.27 -20.25 -5.80
C TYR A 173 -12.09 -18.77 -5.50
N GLY A 174 -11.19 -18.46 -4.55
CA GLY A 174 -10.92 -17.09 -4.17
C GLY A 174 -9.83 -16.49 -5.04
N ILE A 175 -9.79 -15.15 -5.07
CA ILE A 175 -8.74 -14.42 -5.78
C ILE A 175 -8.00 -13.48 -4.82
N THR A 176 -6.93 -12.86 -5.31
CA THR A 176 -6.16 -11.89 -4.54
C THR A 176 -5.90 -10.68 -5.41
N SER A 177 -5.36 -9.62 -4.81
CA SER A 177 -5.06 -8.37 -5.53
C SER A 177 -4.34 -8.63 -6.86
N ASP A 178 -3.44 -9.62 -6.88
CA ASP A 178 -2.75 -10.08 -8.09
C ASP A 178 -3.69 -10.35 -9.27
N ASP A 179 -4.80 -11.04 -9.00
CA ASP A 179 -5.80 -11.38 -10.01
C ASP A 179 -6.71 -10.23 -10.35
N LEU A 180 -7.15 -9.51 -9.32
CA LEU A 180 -8.18 -8.49 -9.40
C LEU A 180 -8.02 -7.43 -10.48
N PHE A 181 -6.79 -7.00 -10.71
CA PHE A 181 -6.53 -5.85 -11.58
C PHE A 181 -6.55 -6.16 -13.08
N SER A 182 -6.65 -7.45 -13.42
CA SER A 182 -6.82 -7.85 -14.81
C SER A 182 -7.98 -8.82 -14.98
N LEU A 183 -8.88 -8.88 -13.99
CA LEU A 183 -9.96 -9.88 -13.94
C LEU A 183 -10.79 -9.97 -15.22
N ASP A 184 -10.82 -11.17 -15.81
CA ASP A 184 -11.66 -11.42 -16.98
C ASP A 184 -13.14 -11.31 -16.64
N ARG A 185 -13.55 -12.03 -15.59
CA ARG A 185 -14.93 -12.01 -15.09
C ARG A 185 -15.20 -10.67 -14.38
N GLU A 186 -16.43 -10.20 -14.50
CA GLU A 186 -16.90 -9.03 -13.78
C GLU A 186 -16.95 -9.38 -12.29
N PRO A 187 -16.42 -8.50 -11.41
CA PRO A 187 -16.39 -8.82 -9.98
C PRO A 187 -17.75 -9.21 -9.43
N GLY A 188 -18.78 -8.43 -9.72
CA GLY A 188 -20.13 -8.69 -9.20
C GLY A 188 -20.20 -8.44 -7.71
N LYS A 189 -20.98 -9.25 -7.01
CA LYS A 189 -21.07 -9.20 -5.55
C LYS A 189 -19.82 -9.84 -4.96
N THR A 190 -19.02 -9.08 -4.23
CA THR A 190 -17.71 -9.57 -3.81
C THR A 190 -17.43 -9.48 -2.32
N LEU A 191 -16.86 -10.55 -1.76
CA LEU A 191 -16.45 -10.56 -0.36
C LEU A 191 -14.97 -10.23 -0.23
N VAL A 192 -14.68 -9.15 0.50
CA VAL A 192 -13.29 -8.74 0.72
C VAL A 192 -12.86 -9.11 2.14
N VAL A 193 -12.03 -10.15 2.24
CA VAL A 193 -11.55 -10.63 3.52
C VAL A 193 -10.21 -9.94 3.83
N GLY A 194 -10.21 -9.09 4.84
CA GLY A 194 -9.05 -8.28 5.19
C GLY A 194 -9.42 -6.81 5.26
N ALA A 195 -9.13 -6.18 6.39
CA ALA A 195 -9.42 -4.75 6.56
C ALA A 195 -8.16 -3.88 6.70
N GLY A 196 -7.06 -4.38 6.13
CA GLY A 196 -5.87 -3.55 5.91
C GLY A 196 -6.17 -2.63 4.75
N TYR A 197 -5.20 -1.84 4.31
CA TYR A 197 -5.48 -0.87 3.26
C TYR A 197 -5.88 -1.52 1.93
N ILE A 198 -5.23 -2.63 1.56
CA ILE A 198 -5.53 -3.28 0.28
C ILE A 198 -7.01 -3.72 0.19
N GLY A 199 -7.52 -4.26 1.28
CA GLY A 199 -8.91 -4.73 1.32
C GLY A 199 -9.88 -3.57 1.36
N LEU A 200 -9.52 -2.54 2.13
CA LEU A 200 -10.32 -1.33 2.22
C LEU A 200 -10.41 -0.59 0.90
N GLU A 201 -9.26 -0.45 0.23
CA GLU A 201 -9.18 0.26 -1.04
C GLU A 201 -9.96 -0.45 -2.13
N CYS A 202 -9.82 -1.78 -2.19
CA CYS A 202 -10.53 -2.59 -3.17
C CYS A 202 -12.04 -2.56 -3.01
N ALA A 203 -12.51 -2.78 -1.78
CA ALA A 203 -13.92 -2.62 -1.45
C ALA A 203 -14.40 -1.23 -1.86
N GLY A 204 -13.59 -0.22 -1.55
CA GLY A 204 -13.92 1.16 -1.87
C GLY A 204 -14.20 1.41 -3.34
N PHE A 205 -13.27 1.04 -4.21
CA PHE A 205 -13.49 1.20 -5.65
C PHE A 205 -14.42 0.19 -6.30
N LEU A 206 -14.65 -0.96 -5.67
CA LEU A 206 -15.65 -1.91 -6.17
C LEU A 206 -17.07 -1.39 -6.00
N LYS A 207 -17.33 -0.67 -4.90
CA LYS A 207 -18.62 -0.03 -4.67
C LYS A 207 -18.77 1.11 -5.64
N GLY A 208 -17.68 1.86 -5.85
CA GLY A 208 -17.71 3.06 -6.69
C GLY A 208 -17.96 2.75 -8.15
N LEU A 209 -17.73 1.50 -8.54
CA LEU A 209 -17.87 1.06 -9.92
C LEU A 209 -19.08 0.19 -10.14
N GLY A 210 -19.99 0.17 -9.15
CA GLY A 210 -21.31 -0.43 -9.30
C GLY A 210 -21.47 -1.83 -8.74
N TYR A 211 -20.44 -2.34 -8.07
CA TYR A 211 -20.52 -3.67 -7.47
C TYR A 211 -20.86 -3.59 -5.99
N GLU A 212 -21.05 -4.76 -5.39
CA GLU A 212 -21.53 -4.89 -4.02
C GLU A 212 -20.53 -5.61 -3.10
N PRO A 213 -19.50 -4.86 -2.61
CA PRO A 213 -18.54 -5.49 -1.69
C PRO A 213 -19.02 -5.61 -0.24
N THR A 214 -18.50 -6.62 0.45
CA THR A 214 -18.56 -6.71 1.90
C THR A 214 -17.11 -6.87 2.42
N VAL A 215 -16.79 -6.11 3.47
CA VAL A 215 -15.51 -6.24 4.15
C VAL A 215 -15.65 -7.14 5.38
N MET A 216 -14.83 -8.20 5.45
CA MET A 216 -14.79 -9.08 6.60
C MET A 216 -13.56 -8.78 7.46
N VAL A 217 -13.80 -8.47 8.74
CA VAL A 217 -12.76 -8.08 9.69
C VAL A 217 -12.53 -9.17 10.75
N ARG A 218 -11.29 -9.66 10.88
CA ARG A 218 -10.98 -10.64 11.93
C ARG A 218 -11.01 -10.03 13.34
N SER A 219 -10.38 -8.87 13.49
CA SER A 219 -10.35 -8.15 14.75
C SER A 219 -10.71 -6.68 14.53
N ILE A 220 -9.74 -5.89 14.07
CA ILE A 220 -9.89 -4.43 13.96
C ILE A 220 -9.60 -3.95 12.52
N VAL A 221 -10.07 -2.74 12.21
CA VAL A 221 -9.82 -2.08 10.92
C VAL A 221 -8.45 -1.39 10.94
N LEU A 222 -7.71 -1.53 9.83
CA LEU A 222 -6.40 -0.89 9.64
C LEU A 222 -5.45 -0.95 10.85
N ARG A 223 -5.13 -2.16 11.31
CA ARG A 223 -4.10 -2.37 12.33
C ARG A 223 -2.82 -1.57 12.01
N GLY A 224 -2.23 -0.93 13.02
CA GLY A 224 -0.99 -0.17 12.85
C GLY A 224 -1.26 1.29 12.60
N PHE A 225 -2.50 1.59 12.22
CA PHE A 225 -2.95 2.97 12.01
C PHE A 225 -3.70 3.45 13.24
N ASP A 226 -3.70 4.77 13.42
CA ASP A 226 -4.52 5.44 14.42
C ASP A 226 -5.96 4.93 14.38
N GLN A 227 -6.41 4.39 15.51
CA GLN A 227 -7.68 3.66 15.56
C GLN A 227 -8.93 4.55 15.59
N GLN A 228 -8.79 5.79 16.01
CA GLN A 228 -9.89 6.75 15.86
C GLN A 228 -10.08 6.97 14.37
N MET A 229 -8.97 7.20 13.68
CA MET A 229 -9.00 7.45 12.25
C MET A 229 -9.49 6.22 11.48
N ALA A 230 -9.09 5.04 11.94
CA ALA A 230 -9.44 3.77 11.27
C ALA A 230 -10.92 3.49 11.35
N GLU A 231 -11.53 3.88 12.46
CA GLU A 231 -12.96 3.71 12.66
C GLU A 231 -13.77 4.74 11.89
N LEU A 232 -13.20 5.94 11.72
CA LEU A 232 -13.83 6.98 10.91
C LEU A 232 -13.85 6.62 9.42
N VAL A 233 -12.80 5.94 8.97
CA VAL A 233 -12.74 5.48 7.58
C VAL A 233 -13.77 4.37 7.35
N ALA A 234 -13.86 3.44 8.29
CA ALA A 234 -14.83 2.33 8.21
C ALA A 234 -16.28 2.80 8.19
N ALA A 235 -16.60 3.74 9.09
CA ALA A 235 -17.93 4.34 9.17
C ALA A 235 -18.23 5.13 7.89
N SER A 236 -17.20 5.75 7.35
CA SER A 236 -17.22 6.44 6.06
C SER A 236 -17.68 5.50 4.95
N MET A 237 -17.20 4.27 5.00
CA MET A 237 -17.47 3.29 3.97
C MET A 237 -18.88 2.75 4.10
N GLU A 238 -19.32 2.54 5.34
CA GLU A 238 -20.70 2.15 5.62
C GLU A 238 -21.70 3.22 5.18
N GLU A 239 -21.38 4.49 5.38
CA GLU A 239 -22.19 5.60 4.88
C GLU A 239 -22.45 5.45 3.38
N ARG A 240 -21.42 5.08 2.64
CA ARG A 240 -21.50 4.87 1.20
C ARG A 240 -22.02 3.48 0.82
N GLY A 241 -22.54 2.73 1.80
CA GLY A 241 -23.18 1.45 1.53
C GLY A 241 -22.31 0.22 1.49
N ILE A 242 -21.14 0.27 2.11
CA ILE A 242 -20.28 -0.92 2.23
C ILE A 242 -20.46 -1.58 3.60
N PRO A 243 -21.05 -2.79 3.63
CA PRO A 243 -21.22 -3.45 4.92
C PRO A 243 -19.96 -4.15 5.41
N PHE A 244 -19.86 -4.27 6.72
CA PHE A 244 -18.72 -4.86 7.39
C PHE A 244 -19.19 -6.00 8.26
N LEU A 245 -18.44 -7.09 8.23
CA LEU A 245 -18.67 -8.23 9.10
C LEU A 245 -17.57 -8.24 10.16
N ARG A 246 -17.94 -7.74 11.34
CA ARG A 246 -17.03 -7.55 12.48
C ARG A 246 -16.72 -8.85 13.22
N LYS A 247 -15.48 -8.94 13.71
CA LYS A 247 -14.98 -10.10 14.46
C LYS A 247 -15.24 -11.43 13.75
N THR A 248 -15.04 -11.44 12.44
CA THR A 248 -15.41 -12.62 11.65
C THR A 248 -14.23 -13.23 10.89
N VAL A 249 -14.22 -14.57 10.88
CA VAL A 249 -13.21 -15.35 10.19
C VAL A 249 -13.92 -16.25 9.17
N PRO A 250 -13.36 -16.38 7.94
CA PRO A 250 -13.93 -17.34 6.98
C PRO A 250 -13.61 -18.80 7.34
N LEU A 251 -14.49 -19.72 6.97
CA LEU A 251 -14.32 -21.13 7.30
C LEU A 251 -14.07 -22.01 6.07
N SER A 252 -14.72 -21.63 4.96
CA SER A 252 -14.57 -22.32 3.67
C SER A 252 -15.31 -21.55 2.56
N VAL A 253 -14.98 -21.89 1.32
CA VAL A 253 -15.71 -21.40 0.16
C VAL A 253 -15.91 -22.59 -0.77
N GLU A 254 -17.10 -22.71 -1.34
CA GLU A 254 -17.35 -23.80 -2.27
C GLU A 254 -18.10 -23.34 -3.50
N LYS A 255 -17.70 -23.93 -4.64
CA LYS A 255 -18.35 -23.69 -5.93
C LYS A 255 -19.59 -24.56 -5.94
N GLN A 256 -20.75 -23.91 -5.91
CA GLN A 256 -22.02 -24.62 -6.05
C GLN A 256 -22.45 -24.64 -7.52
N ASP A 257 -23.14 -25.70 -7.93
CA ASP A 257 -23.72 -25.76 -9.28
C ASP A 257 -24.76 -24.66 -9.42
N ASP A 258 -24.28 -23.49 -9.85
CA ASP A 258 -25.01 -22.23 -9.77
C ASP A 258 -24.15 -21.10 -10.34
N GLY A 259 -22.83 -21.31 -10.31
CA GLY A 259 -21.88 -20.26 -10.69
C GLY A 259 -21.52 -19.40 -9.49
N LYS A 260 -22.47 -19.28 -8.57
CA LYS A 260 -22.29 -18.49 -7.33
C LYS A 260 -21.34 -19.19 -6.34
N LEU A 261 -20.76 -18.40 -5.43
CA LEU A 261 -19.81 -18.89 -4.43
C LEU A 261 -20.38 -18.77 -3.02
N LEU A 262 -20.54 -19.93 -2.36
CA LEU A 262 -21.00 -19.97 -0.98
C LEU A 262 -19.82 -19.91 -0.02
N VAL A 263 -19.85 -18.92 0.87
CA VAL A 263 -18.84 -18.73 1.90
C VAL A 263 -19.47 -18.94 3.26
N LYS A 264 -19.00 -19.96 3.98
CA LYS A 264 -19.37 -20.11 5.40
C LYS A 264 -18.34 -19.39 6.28
N TYR A 265 -18.84 -18.66 7.28
CA TYR A 265 -18.00 -17.87 8.17
C TYR A 265 -18.42 -17.96 9.66
N LYS A 266 -17.62 -17.35 10.53
CA LYS A 266 -17.73 -17.56 11.99
C LYS A 266 -17.29 -16.34 12.77
N ASN A 267 -18.15 -15.89 13.69
CA ASN A 267 -17.80 -14.86 14.66
C ASN A 267 -16.81 -15.46 15.66
N VAL A 268 -15.72 -14.75 15.94
CA VAL A 268 -14.67 -15.30 16.81
C VAL A 268 -14.88 -14.97 18.30
N GLU A 269 -15.64 -13.91 18.58
CA GLU A 269 -16.02 -13.53 19.94
C GLU A 269 -17.21 -14.37 20.42
N THR A 270 -18.30 -14.30 19.65
CA THR A 270 -19.40 -15.25 19.76
C THR A 270 -18.88 -16.55 19.13
N GLY A 271 -19.76 -17.51 18.81
CA GLY A 271 -19.34 -18.64 17.98
C GLY A 271 -20.19 -18.82 16.74
N GLU A 272 -20.71 -17.63 16.20
CA GLU A 272 -21.80 -17.68 15.22
C GLU A 272 -21.39 -18.17 13.83
N GLU A 273 -21.72 -19.44 13.53
CA GLU A 273 -21.54 -20.00 12.20
C GLU A 273 -22.65 -19.50 11.28
N SER A 274 -22.26 -18.90 10.17
CA SER A 274 -23.19 -18.25 9.25
C SER A 274 -22.66 -18.43 7.83
N GLU A 275 -23.46 -18.06 6.83
CA GLU A 275 -23.05 -18.20 5.42
C GLU A 275 -23.69 -17.16 4.51
N ASP A 276 -23.03 -16.90 3.38
CA ASP A 276 -23.59 -16.07 2.33
C ASP A 276 -22.96 -16.38 0.96
N VAL A 277 -23.68 -15.95 -0.10
CA VAL A 277 -23.31 -16.30 -1.46
C VAL A 277 -22.81 -15.06 -2.22
N TYR A 278 -21.64 -15.18 -2.83
CA TYR A 278 -20.97 -14.08 -3.54
C TYR A 278 -20.53 -14.49 -4.94
N ASP A 279 -20.36 -13.50 -5.81
CA ASP A 279 -19.82 -13.78 -7.14
C ASP A 279 -18.30 -13.94 -7.10
N THR A 280 -17.65 -13.21 -6.19
CA THR A 280 -16.19 -13.16 -6.07
C THR A 280 -15.76 -13.12 -4.60
N VAL A 281 -14.67 -13.81 -4.26
CA VAL A 281 -14.08 -13.71 -2.92
C VAL A 281 -12.62 -13.28 -3.01
N LEU A 282 -12.33 -12.11 -2.41
CA LEU A 282 -11.01 -11.52 -2.44
C LEU A 282 -10.31 -11.70 -1.10
N TRP A 283 -9.22 -12.45 -1.11
CA TRP A 283 -8.38 -12.57 0.08
C TRP A 283 -7.36 -11.44 0.09
N ALA A 284 -7.61 -10.41 0.91
CA ALA A 284 -6.59 -9.39 1.20
C ALA A 284 -6.10 -9.54 2.65
N ILE A 285 -5.48 -10.69 2.93
CA ILE A 285 -5.05 -11.01 4.30
C ILE A 285 -3.54 -10.86 4.57
N GLY A 286 -2.88 -9.95 3.87
CA GLY A 286 -1.45 -9.75 4.07
C GLY A 286 -0.58 -10.38 3.00
N ARG A 287 0.71 -10.11 3.06
CA ARG A 287 1.64 -10.66 2.09
C ARG A 287 2.82 -11.33 2.77
N LYS A 288 3.29 -12.41 2.16
CA LYS A 288 4.34 -13.25 2.71
C LYS A 288 5.60 -13.14 1.87
N GLY A 289 6.70 -12.77 2.50
CA GLY A 289 8.01 -12.64 1.85
C GLY A 289 8.50 -13.90 1.15
N LEU A 290 9.01 -13.70 -0.07
CA LEU A 290 9.46 -14.79 -0.94
C LEU A 290 10.87 -15.33 -0.59
N VAL A 291 11.09 -15.62 0.70
CA VAL A 291 12.38 -16.14 1.19
C VAL A 291 12.59 -17.62 0.79
N ASP A 292 11.51 -18.39 0.90
CA ASP A 292 11.42 -19.79 0.49
C ASP A 292 12.27 -20.16 -0.75
N ASP A 293 11.99 -19.56 -1.91
CA ASP A 293 12.65 -19.90 -3.17
C ASP A 293 14.13 -19.50 -3.29
N LEU A 294 14.64 -18.78 -2.31
CA LEU A 294 16.00 -18.24 -2.37
C LEU A 294 17.07 -19.22 -1.90
N ASN A 295 16.65 -20.22 -1.13
CA ASN A 295 17.55 -21.13 -0.41
C ASN A 295 18.62 -20.34 0.35
N LEU A 296 18.15 -19.56 1.32
CA LEU A 296 18.99 -18.70 2.14
C LEU A 296 20.05 -19.43 2.99
N PRO A 297 19.71 -20.61 3.57
CA PRO A 297 20.74 -21.39 4.28
C PRO A 297 22.01 -21.69 3.47
N ASN A 298 21.90 -21.81 2.14
CA ASN A 298 23.07 -22.01 1.28
C ASN A 298 24.04 -20.84 1.33
N ALA A 299 23.49 -19.65 1.57
CA ALA A 299 24.26 -18.43 1.73
C ALA A 299 24.47 -18.12 3.23
N GLY A 300 23.84 -18.92 4.09
CA GLY A 300 23.96 -18.76 5.55
C GLY A 300 23.31 -17.50 6.08
N VAL A 301 22.24 -17.05 5.42
CA VAL A 301 21.52 -15.84 5.77
C VAL A 301 20.35 -16.19 6.71
N THR A 302 20.23 -15.48 7.83
CA THR A 302 19.17 -15.76 8.80
C THR A 302 17.85 -15.05 8.47
N VAL A 303 16.76 -15.75 8.77
CA VAL A 303 15.41 -15.32 8.45
C VAL A 303 14.65 -15.12 9.76
N GLN A 304 13.79 -14.12 9.79
CA GLN A 304 12.87 -13.92 10.88
C GLN A 304 11.45 -14.19 10.34
N LYS A 305 11.20 -15.45 10.00
CA LYS A 305 9.87 -15.93 9.57
C LYS A 305 9.30 -15.14 8.39
N ASP A 306 9.43 -15.69 7.19
CA ASP A 306 9.02 -15.04 5.94
C ASP A 306 9.66 -13.66 5.62
N LYS A 307 10.43 -13.12 6.57
CA LYS A 307 11.14 -11.84 6.36
C LYS A 307 12.64 -11.95 6.70
N ILE A 308 13.44 -11.06 6.12
CA ILE A 308 14.88 -11.00 6.39
C ILE A 308 15.25 -9.77 7.24
N PRO A 309 15.74 -9.99 8.49
CA PRO A 309 16.26 -8.91 9.33
C PRO A 309 17.58 -8.32 8.80
N VAL A 310 17.62 -7.00 8.71
CA VAL A 310 18.83 -6.26 8.29
C VAL A 310 19.23 -5.21 9.32
N ASP A 311 20.50 -4.77 9.27
CA ASP A 311 20.97 -3.69 10.15
C ASP A 311 20.64 -2.33 9.51
N SER A 312 21.13 -1.24 10.10
CA SER A 312 20.83 0.11 9.61
C SER A 312 21.40 0.38 8.21
N GLN A 313 22.29 -0.49 7.74
CA GLN A 313 22.87 -0.36 6.39
C GLN A 313 22.27 -1.36 5.36
N GLU A 314 21.15 -1.99 5.72
CA GLU A 314 20.51 -3.08 4.96
C GLU A 314 21.35 -4.36 4.75
N ALA A 315 22.45 -4.47 5.50
CA ALA A 315 23.25 -5.71 5.49
C ALA A 315 22.56 -6.83 6.27
N THR A 316 22.70 -8.04 5.75
CA THR A 316 22.26 -9.24 6.44
C THR A 316 23.39 -9.76 7.36
N ASN A 317 23.11 -10.83 8.11
CA ASN A 317 24.13 -11.43 8.95
C ASN A 317 25.36 -11.90 8.14
N VAL A 318 25.25 -11.83 6.82
CA VAL A 318 26.37 -12.08 5.91
C VAL A 318 26.82 -10.75 5.28
N ALA A 319 28.02 -10.32 5.65
CA ALA A 319 28.57 -8.99 5.31
C ALA A 319 28.38 -8.61 3.86
N ASN A 320 28.50 -9.61 3.00
CA ASN A 320 28.53 -9.44 1.56
C ASN A 320 27.14 -9.42 0.88
N ILE A 321 26.11 -9.73 1.67
CA ILE A 321 24.73 -9.87 1.19
C ILE A 321 23.78 -8.89 1.88
N TYR A 322 22.95 -8.23 1.07
CA TYR A 322 21.99 -7.24 1.55
C TYR A 322 20.54 -7.58 1.20
N ALA A 323 19.61 -6.99 1.93
CA ALA A 323 18.17 -7.09 1.63
C ALA A 323 17.52 -5.71 1.71
N VAL A 324 16.53 -5.48 0.84
CA VAL A 324 15.90 -4.16 0.72
C VAL A 324 14.48 -4.30 0.18
N GLY A 325 13.60 -3.39 0.58
CA GLY A 325 12.18 -3.43 0.20
C GLY A 325 11.35 -4.29 1.12
N ASP A 326 10.30 -4.90 0.56
CA ASP A 326 9.33 -5.68 1.36
C ASP A 326 9.84 -6.88 2.17
N ILE A 327 10.83 -7.66 1.67
CA ILE A 327 11.34 -8.80 2.49
C ILE A 327 12.01 -8.42 3.82
N ILE A 328 12.45 -7.17 3.92
CA ILE A 328 13.08 -6.64 5.11
C ILE A 328 12.11 -6.70 6.31
N TYR A 329 12.60 -7.19 7.45
CA TYR A 329 11.74 -7.33 8.63
C TYR A 329 11.35 -6.00 9.29
N GLY A 330 10.03 -5.83 9.46
CA GLY A 330 9.45 -4.77 10.28
C GLY A 330 9.86 -3.35 9.93
N LYS A 331 9.86 -3.04 8.63
CA LYS A 331 10.01 -1.65 8.14
C LYS A 331 8.80 -1.34 7.28
N PRO A 332 8.55 -0.04 6.98
CA PRO A 332 7.36 0.27 6.15
C PRO A 332 7.39 -0.37 4.74
N GLU A 333 6.33 -1.07 4.38
CA GLU A 333 6.25 -1.74 3.08
C GLU A 333 5.56 -0.91 2.02
N LEU A 334 6.29 0.07 1.48
CA LEU A 334 5.78 1.01 0.49
C LEU A 334 6.81 1.19 -0.61
N THR A 335 6.35 1.58 -1.81
CA THR A 335 7.22 1.71 -2.98
C THR A 335 8.35 2.77 -2.84
N PRO A 336 8.02 4.00 -2.37
CA PRO A 336 9.09 5.00 -2.38
C PRO A 336 10.12 4.74 -1.30
N VAL A 337 9.71 4.03 -0.24
CA VAL A 337 10.62 3.57 0.80
C VAL A 337 11.64 2.62 0.15
N ALA A 338 11.11 1.60 -0.54
CA ALA A 338 11.88 0.61 -1.28
C ALA A 338 12.79 1.22 -2.34
N VAL A 339 12.25 2.16 -3.12
CA VAL A 339 13.03 2.81 -4.17
C VAL A 339 14.23 3.53 -3.55
N LEU A 340 13.98 4.34 -2.52
CA LEU A 340 15.02 5.19 -1.96
C LEU A 340 16.06 4.39 -1.16
N ALA A 341 15.61 3.35 -0.45
CA ALA A 341 16.56 2.52 0.31
C ALA A 341 17.50 1.79 -0.66
N GLY A 342 16.94 1.31 -1.77
CA GLY A 342 17.71 0.65 -2.84
C GLY A 342 18.69 1.56 -3.52
N ARG A 343 18.27 2.78 -3.84
CA ARG A 343 19.17 3.79 -4.40
C ARG A 343 20.28 4.16 -3.43
N LEU A 344 19.91 4.46 -2.18
CA LEU A 344 20.90 4.84 -1.18
C LEU A 344 21.95 3.75 -0.97
N LEU A 345 21.50 2.50 -1.01
CA LEU A 345 22.33 1.31 -0.84
C LEU A 345 23.40 1.21 -1.92
N ALA A 346 22.94 1.27 -3.17
CA ALA A 346 23.80 1.27 -4.34
C ALA A 346 24.81 2.44 -4.31
N ARG A 347 24.36 3.58 -3.78
CA ARG A 347 25.21 4.76 -3.64
C ARG A 347 26.26 4.62 -2.53
N ARG A 348 25.98 3.82 -1.50
CA ARG A 348 26.98 3.55 -0.45
C ARG A 348 28.01 2.51 -0.89
N LEU A 349 27.57 1.57 -1.72
CA LEU A 349 28.46 0.51 -2.18
C LEU A 349 29.43 1.02 -3.23
N TYR A 350 28.96 1.93 -4.10
CA TYR A 350 29.73 2.32 -5.29
C TYR A 350 29.96 3.82 -5.48
N GLY A 351 29.22 4.64 -4.76
CA GLY A 351 29.29 6.08 -4.92
C GLY A 351 30.11 6.80 -3.85
N GLY A 352 30.65 6.03 -2.89
CA GLY A 352 31.36 6.60 -1.75
C GLY A 352 30.47 7.49 -0.88
N SER A 353 29.23 7.07 -0.69
CA SER A 353 28.26 7.78 0.15
C SER A 353 28.14 7.15 1.55
N THR A 354 27.84 7.97 2.54
CA THR A 354 27.60 7.48 3.91
C THR A 354 26.15 7.71 4.34
N GLN A 355 25.28 7.98 3.37
CA GLN A 355 23.88 8.27 3.69
C GLN A 355 23.06 6.99 3.83
N ARG A 356 22.50 6.81 5.02
CA ARG A 356 21.69 5.66 5.35
C ARG A 356 20.24 6.01 5.09
N MET A 357 19.37 4.99 5.06
CA MET A 357 17.94 5.22 4.89
C MET A 357 17.32 5.75 6.18
N ASP A 358 16.44 6.74 6.05
CA ASP A 358 15.63 7.23 7.15
C ASP A 358 14.22 6.64 7.06
N TYR A 359 13.94 5.68 7.95
CA TYR A 359 12.65 4.97 8.00
C TYR A 359 11.61 5.60 8.94
N LYS A 360 11.88 6.82 9.41
CA LYS A 360 10.98 7.51 10.33
C LYS A 360 10.14 8.57 9.64
N ASP A 361 8.91 8.74 10.13
CA ASP A 361 7.95 9.70 9.63
C ASP A 361 7.72 9.50 8.14
N VAL A 362 7.54 8.24 7.74
CA VAL A 362 7.15 7.98 6.37
C VAL A 362 5.64 8.18 6.27
N ALA A 363 5.26 9.10 5.39
CA ALA A 363 3.88 9.39 5.11
C ALA A 363 3.25 8.28 4.28
N THR A 364 1.94 8.10 4.46
CA THR A 364 1.20 7.11 3.68
C THR A 364 -0.22 7.60 3.42
N THR A 365 -0.83 7.07 2.38
CA THR A 365 -2.23 7.34 2.06
C THR A 365 -2.99 6.03 1.85
N VAL A 366 -4.15 5.93 2.51
CA VAL A 366 -5.13 4.89 2.23
C VAL A 366 -6.15 5.45 1.24
N PHE A 367 -6.08 4.98 -0.01
CA PHE A 367 -6.96 5.49 -1.06
C PHE A 367 -8.35 4.85 -1.00
N THR A 368 -8.98 5.03 0.15
CA THR A 368 -10.38 4.70 0.38
C THR A 368 -11.25 5.75 -0.33
N PRO A 369 -12.58 5.52 -0.42
CA PRO A 369 -13.47 6.49 -1.11
C PRO A 369 -13.25 7.92 -0.62
N LEU A 370 -13.32 8.11 0.69
CA LEU A 370 -12.75 9.28 1.32
C LEU A 370 -11.38 8.83 1.78
N GLU A 371 -10.35 9.44 1.19
CA GLU A 371 -8.96 9.08 1.47
C GLU A 371 -8.52 9.45 2.87
N TYR A 372 -7.59 8.66 3.42
CA TYR A 372 -6.98 8.96 4.70
C TYR A 372 -5.46 8.96 4.55
N ALA A 373 -4.86 10.13 4.75
CA ALA A 373 -3.42 10.24 4.82
C ALA A 373 -2.94 10.53 6.24
N CYS A 374 -1.74 10.06 6.54
CA CYS A 374 -1.14 10.36 7.82
C CYS A 374 0.37 10.30 7.70
N VAL A 375 1.03 10.84 8.70
CA VAL A 375 2.49 10.81 8.81
C VAL A 375 2.78 11.05 10.28
N GLY A 376 3.81 10.38 10.81
CA GLY A 376 4.19 10.52 12.22
C GLY A 376 3.38 9.62 13.13
N LEU A 377 3.30 9.94 14.42
CA LEU A 377 2.64 9.08 15.39
C LEU A 377 1.12 9.13 15.36
N SER A 378 0.50 7.97 15.57
CA SER A 378 -0.89 7.90 15.95
C SER A 378 -1.06 8.50 17.35
N GLU A 379 -2.27 8.94 17.67
CA GLU A 379 -2.60 9.49 18.99
C GLU A 379 -2.21 8.51 20.09
N GLU A 380 -2.58 7.25 19.94
CA GLU A 380 -2.32 6.24 20.98
C GLU A 380 -0.81 5.96 21.21
N ASP A 381 -0.01 5.95 20.15
CA ASP A 381 1.44 5.75 20.27
C ASP A 381 2.14 6.93 20.95
N ALA A 382 1.67 8.13 20.68
CA ALA A 382 2.22 9.33 21.29
C ALA A 382 1.90 9.39 22.78
N VAL A 383 0.68 8.97 23.15
CA VAL A 383 0.24 8.92 24.55
C VAL A 383 1.01 7.83 25.31
N LYS A 384 1.15 6.66 24.69
CA LYS A 384 1.96 5.57 25.24
C LYS A 384 3.42 5.98 25.43
N GLN A 385 3.97 6.69 24.44
CA GLN A 385 5.39 7.08 24.45
C GLN A 385 5.72 8.22 25.41
N PHE A 386 4.90 9.25 25.45
CA PHE A 386 5.22 10.46 26.25
C PHE A 386 4.36 10.70 27.49
N GLY A 387 3.23 10.01 27.59
CA GLY A 387 2.23 10.28 28.62
C GLY A 387 1.14 11.22 28.12
N ALA A 388 -0.10 10.97 28.54
CA ALA A 388 -1.26 11.73 28.08
C ALA A 388 -1.16 13.23 28.38
N ASP A 389 -0.67 13.55 29.57
CA ASP A 389 -0.57 14.95 30.00
C ASP A 389 0.60 15.74 29.38
N GLU A 390 1.40 15.09 28.54
CA GLU A 390 2.47 15.77 27.82
C GLU A 390 2.11 15.83 26.33
N ILE A 391 0.92 15.32 26.03
CA ILE A 391 0.40 15.29 24.68
C ILE A 391 -0.73 16.31 24.53
N GLU A 392 -0.73 16.99 23.40
CA GLU A 392 -1.85 17.81 22.97
C GLU A 392 -2.39 17.31 21.62
N VAL A 393 -3.71 17.19 21.51
CA VAL A 393 -4.32 16.91 20.23
C VAL A 393 -5.21 18.09 19.78
N PHE A 394 -4.81 18.73 18.68
CA PHE A 394 -5.65 19.72 18.02
C PHE A 394 -6.49 19.01 16.95
N HIS A 395 -7.79 19.24 16.94
CA HIS A 395 -8.67 18.55 15.99
C HIS A 395 -9.88 19.36 15.50
N GLY A 396 -10.45 18.88 14.40
CA GLY A 396 -11.58 19.57 13.80
C GLY A 396 -12.30 18.83 12.70
N TYR A 397 -13.61 19.03 12.64
CA TYR A 397 -14.37 18.70 11.47
C TYR A 397 -14.41 19.91 10.58
N TYR A 398 -14.35 19.70 9.28
CA TYR A 398 -14.27 20.80 8.34
C TYR A 398 -15.20 20.51 7.17
N LYS A 399 -15.38 21.52 6.32
CA LYS A 399 -16.34 21.45 5.22
C LYS A 399 -15.65 21.88 3.92
N PRO A 400 -15.35 20.92 3.01
CA PRO A 400 -14.74 21.26 1.72
C PRO A 400 -15.64 22.19 0.93
N THR A 401 -15.04 23.19 0.30
CA THR A 401 -15.81 24.13 -0.51
C THR A 401 -16.60 23.38 -1.55
N GLU A 402 -16.00 22.35 -2.15
CA GLU A 402 -16.67 21.66 -3.24
C GLU A 402 -17.74 20.66 -2.82
N PHE A 403 -17.90 20.44 -1.50
CA PHE A 403 -18.95 19.56 -0.99
C PHE A 403 -20.31 20.25 -0.85
N PHE A 404 -20.33 21.58 -0.82
CA PHE A 404 -21.58 22.35 -0.54
C PHE A 404 -22.72 22.22 -1.56
N ILE A 405 -22.45 22.55 -2.82
CA ILE A 405 -23.50 22.55 -3.87
C ILE A 405 -24.12 21.15 -4.09
N PRO A 406 -23.27 20.09 -4.20
CA PRO A 406 -23.79 18.72 -4.28
C PRO A 406 -24.29 18.16 -2.94
N GLN A 407 -24.19 18.94 -1.87
CA GLN A 407 -24.69 18.59 -0.55
C GLN A 407 -24.11 17.25 -0.09
N LYS A 408 -22.79 17.14 -0.16
CA LYS A 408 -22.10 15.93 0.22
C LYS A 408 -21.90 15.89 1.70
N SER A 409 -22.01 14.69 2.26
CA SER A 409 -21.72 14.44 3.67
C SER A 409 -20.34 14.96 4.08
N VAL A 410 -20.31 15.73 5.16
CA VAL A 410 -19.07 16.20 5.78
C VAL A 410 -18.83 15.48 7.11
N ARG A 411 -19.63 14.46 7.37
CA ARG A 411 -19.61 13.72 8.65
C ARG A 411 -18.22 13.14 8.97
N TYR A 412 -17.56 12.65 7.95
CA TYR A 412 -16.28 11.99 8.16
C TYR A 412 -15.08 12.84 7.74
N CYS A 413 -15.33 14.10 7.38
CA CYS A 413 -14.26 15.06 7.09
C CYS A 413 -13.62 15.58 8.37
N TYR A 414 -12.57 14.86 8.79
CA TYR A 414 -11.96 15.07 10.11
C TYR A 414 -10.45 15.17 10.02
N LEU A 415 -9.92 16.04 10.88
CA LEU A 415 -8.53 16.48 10.85
C LEU A 415 -7.98 16.52 12.28
N LYS A 416 -6.72 16.13 12.46
CA LYS A 416 -6.10 15.99 13.76
C LYS A 416 -4.56 16.17 13.72
N ALA A 417 -4.02 16.91 14.69
CA ALA A 417 -2.57 17.07 14.86
C ALA A 417 -2.15 16.59 16.25
N VAL A 418 -1.33 15.54 16.33
CA VAL A 418 -0.82 15.03 17.61
C VAL A 418 0.55 15.67 17.95
N ALA A 419 0.62 16.35 19.08
CA ALA A 419 1.78 17.19 19.37
C ALA A 419 2.26 17.11 20.82
N GLU A 420 3.52 17.52 21.01
CA GLU A 420 4.09 17.79 22.33
C GLU A 420 3.27 18.91 22.94
N ARG A 421 2.83 18.73 24.18
CA ARG A 421 1.96 19.69 24.86
C ARG A 421 2.65 21.01 25.27
N HIS A 422 3.86 20.90 25.85
CA HIS A 422 4.59 22.08 26.31
C HIS A 422 5.84 22.34 25.49
N GLY A 423 6.58 23.39 25.84
CA GLY A 423 7.89 23.70 25.26
C GLY A 423 7.84 24.14 23.82
N ASP A 424 8.62 23.45 22.98
CA ASP A 424 8.62 23.66 21.52
C ASP A 424 7.28 23.32 20.87
N GLN A 425 6.51 22.46 21.53
CA GLN A 425 5.21 22.00 21.01
C GLN A 425 5.41 21.34 19.66
N ARG A 426 6.44 20.50 19.58
CA ARG A 426 6.76 19.74 18.39
C ARG A 426 5.57 18.88 17.95
N VAL A 427 5.25 18.91 16.65
CA VAL A 427 4.22 18.03 16.08
C VAL A 427 4.76 16.61 15.94
N TYR A 428 4.00 15.63 16.45
CA TYR A 428 4.38 14.22 16.39
C TYR A 428 3.69 13.47 15.25
N GLY A 429 2.49 13.91 14.88
CA GLY A 429 1.68 13.21 13.89
C GLY A 429 0.59 14.10 13.33
N LEU A 430 0.24 13.86 12.08
CA LEU A 430 -0.85 14.57 11.40
C LEU A 430 -1.72 13.54 10.70
N HIS A 431 -3.03 13.69 10.86
CA HIS A 431 -4.00 12.75 10.32
C HIS A 431 -5.11 13.51 9.64
N TYR A 432 -5.48 13.06 8.45
CA TYR A 432 -6.50 13.73 7.65
C TYR A 432 -7.35 12.70 6.90
N ILE A 433 -8.67 12.79 7.11
CA ILE A 433 -9.62 12.13 6.21
C ILE A 433 -10.31 13.17 5.31
N GLY A 434 -10.27 12.94 4.00
CA GLY A 434 -10.95 13.82 3.08
C GLY A 434 -10.42 13.74 1.66
N PRO A 435 -10.84 14.69 0.80
CA PRO A 435 -10.39 14.82 -0.58
C PRO A 435 -8.89 14.97 -0.68
N VAL A 436 -8.32 14.27 -1.65
CA VAL A 436 -6.92 14.38 -2.03
C VAL A 436 -5.98 14.43 -0.82
N ALA A 437 -6.07 13.36 -0.03
CA ALA A 437 -5.44 13.28 1.28
C ALA A 437 -3.92 13.16 1.19
N GLY A 438 -3.43 12.41 0.20
CA GLY A 438 -2.01 12.28 -0.07
C GLY A 438 -1.39 13.55 -0.63
N GLU A 439 -2.15 14.28 -1.47
CA GLU A 439 -1.73 15.59 -1.97
C GLU A 439 -1.57 16.62 -0.84
N VAL A 440 -2.49 16.58 0.13
CA VAL A 440 -2.44 17.43 1.32
C VAL A 440 -1.30 17.06 2.31
N ILE A 441 -1.15 15.79 2.62
CA ILE A 441 -0.21 15.40 3.66
C ILE A 441 1.26 15.48 3.24
N GLN A 442 1.55 15.17 1.97
CA GLN A 442 2.93 15.15 1.46
C GLN A 442 3.83 16.30 1.95
N GLY A 443 3.38 17.54 1.78
CA GLY A 443 4.16 18.72 2.19
C GLY A 443 4.28 18.85 3.70
N PHE A 444 3.28 18.35 4.43
CA PHE A 444 3.33 18.37 5.87
C PHE A 444 4.32 17.33 6.40
N ALA A 445 4.45 16.21 5.68
CA ALA A 445 5.45 15.19 5.99
C ALA A 445 6.86 15.77 5.88
N ALA A 446 7.04 16.69 4.93
CA ALA A 446 8.31 17.42 4.78
C ALA A 446 8.51 18.42 5.90
N ALA A 447 7.41 19.05 6.32
CA ALA A 447 7.40 20.03 7.39
C ALA A 447 7.77 19.38 8.70
N LEU A 448 7.22 18.19 8.97
CA LEU A 448 7.56 17.39 10.15
C LEU A 448 9.06 17.11 10.15
N LYS A 449 9.58 16.73 8.98
CA LYS A 449 11.00 16.47 8.81
C LYS A 449 11.89 17.70 8.97
N SER A 450 11.34 18.90 8.86
CA SER A 450 12.09 20.13 9.16
C SER A 450 11.84 20.63 10.59
N GLY A 451 11.17 19.83 11.41
CA GLY A 451 10.90 20.16 12.81
C GLY A 451 9.64 20.97 13.09
N LEU A 452 8.60 20.78 12.27
CA LEU A 452 7.32 21.50 12.41
C LEU A 452 6.78 21.51 13.84
N THR A 453 6.49 22.70 14.35
CA THR A 453 5.86 22.88 15.64
C THR A 453 4.42 23.34 15.41
N ILE A 454 3.63 23.34 16.48
CA ILE A 454 2.27 23.89 16.49
C ILE A 454 2.27 25.39 16.11
N ASN A 455 3.23 26.13 16.67
CA ASN A 455 3.31 27.57 16.43
C ASN A 455 3.55 27.97 14.96
N THR A 456 4.43 27.24 14.26
CA THR A 456 4.65 27.55 12.85
C THR A 456 3.48 27.02 12.04
N LEU A 457 2.96 25.85 12.43
CA LEU A 457 1.76 25.28 11.79
C LEU A 457 0.61 26.28 11.77
N ILE A 458 0.39 26.90 12.92
CA ILE A 458 -0.81 27.69 13.16
C ILE A 458 -0.62 29.14 12.70
N ASN A 459 0.62 29.52 12.44
CA ASN A 459 0.88 30.83 11.88
C ASN A 459 1.36 30.77 10.42
N THR A 460 1.37 29.57 9.85
CA THR A 460 1.42 29.39 8.39
C THR A 460 0.07 29.86 7.81
N VAL A 461 0.13 30.88 6.96
CA VAL A 461 -1.08 31.42 6.36
C VAL A 461 -1.72 30.38 5.45
N GLY A 462 -3.05 30.31 5.49
CA GLY A 462 -3.80 29.37 4.68
C GLY A 462 -3.87 29.80 3.23
N ILE A 463 -4.00 28.81 2.33
CA ILE A 463 -4.38 29.06 0.94
C ILE A 463 -5.91 28.84 0.86
N HIS A 464 -6.62 29.92 0.51
CA HIS A 464 -8.07 29.90 0.55
C HIS A 464 -8.64 30.06 -0.86
N PRO A 465 -9.66 29.26 -1.22
CA PRO A 465 -10.26 28.12 -0.50
C PRO A 465 -9.65 26.75 -0.84
N THR A 466 -9.20 26.04 0.19
CA THR A 466 -8.64 24.67 0.05
C THR A 466 -9.01 23.81 1.29
N THR A 467 -8.82 22.49 1.23
CA THR A 467 -9.01 21.65 2.42
C THR A 467 -7.70 21.47 3.19
N ALA A 468 -6.58 21.68 2.48
CA ALA A 468 -5.24 21.69 3.04
C ALA A 468 -5.04 22.78 4.11
N GLU A 469 -5.64 23.96 3.90
CA GLU A 469 -5.58 25.08 4.85
C GLU A 469 -6.24 24.77 6.19
N GLU A 470 -7.04 23.72 6.24
CA GLU A 470 -7.65 23.30 7.49
C GLU A 470 -6.63 22.99 8.58
N PHE A 471 -5.51 22.38 8.21
CA PHE A 471 -4.39 22.13 9.15
C PHE A 471 -3.89 23.41 9.84
N THR A 472 -3.77 24.50 9.08
CA THR A 472 -3.29 25.78 9.62
C THR A 472 -4.34 26.47 10.48
N ARG A 473 -5.58 25.96 10.43
CA ARG A 473 -6.75 26.52 11.14
C ARG A 473 -7.04 25.78 12.43
N LEU A 474 -6.37 24.66 12.64
CA LEU A 474 -6.55 23.88 13.86
C LEU A 474 -6.39 24.78 15.09
N ALA A 475 -7.33 24.69 16.03
CA ALA A 475 -7.30 25.53 17.25
C ALA A 475 -8.01 24.90 18.44
N ILE A 476 -8.92 23.97 18.17
CA ILE A 476 -9.62 23.26 19.22
C ILE A 476 -8.84 22.02 19.63
N THR A 477 -8.52 21.94 20.93
CA THR A 477 -7.85 20.78 21.53
C THR A 477 -8.87 19.82 22.15
N LYS A 478 -8.56 18.53 22.17
CA LYS A 478 -9.41 17.50 22.81
C LYS A 478 -9.54 17.72 24.31
N ARG A 479 -8.40 18.06 24.93
CA ARG A 479 -8.34 18.43 26.36
C ARG A 479 -9.37 19.50 26.73
N SER A 480 -9.55 20.49 25.85
CA SER A 480 -10.53 21.54 26.11
C SER A 480 -11.95 20.96 26.22
N GLY A 481 -12.24 19.95 25.40
CA GLY A 481 -13.56 19.34 25.36
C GLY A 481 -14.54 20.16 24.54
N LEU A 482 -14.06 21.24 23.94
CA LEU A 482 -14.88 22.09 23.08
C LEU A 482 -15.26 21.38 21.79
N ASP A 483 -16.42 21.76 21.24
CA ASP A 483 -16.92 21.25 19.96
C ASP A 483 -15.87 21.40 18.84
N PRO A 484 -15.48 20.27 18.22
CA PRO A 484 -14.56 20.32 17.07
C PRO A 484 -15.22 20.81 15.75
N THR A 485 -16.51 21.12 15.79
CA THR A 485 -17.20 21.72 14.63
C THR A 485 -17.40 23.21 14.92
N PRO A 486 -16.56 24.07 14.30
CA PRO A 486 -16.39 25.47 14.71
C PRO A 486 -17.18 26.52 13.89
N ALA A 487 -18.24 27.06 14.51
CA ALA A 487 -19.15 28.01 13.87
C ALA A 487 -19.48 27.59 12.42
N SER A 488 -20.25 26.51 12.29
CA SER A 488 -20.49 25.80 11.03
C SER A 488 -21.30 26.58 10.00
#